data_3T8O
#
_entry.id   3T8O
#
_cell.length_a   55.541
_cell.length_b   149.808
_cell.length_c   190.879
_cell.angle_alpha   90.000
_cell.angle_beta   90.000
_cell.angle_gamma   90.000
#
_symmetry.space_group_name_H-M   'I 2 2 2'
#
loop_
_entity.id
_entity.type
_entity.pdbx_description
1 polymer 'Rhodopsin kinase'
2 non-polymer "ADENOSINE-5'-TRIPHOSPHATE"
3 non-polymer 'MAGNESIUM ION'
4 non-polymer 'CHLORIDE ION'
5 non-polymer GLYCEROL
6 water water
#
_entity_poly.entity_id   1
_entity_poly.type   'polypeptide(L)'
_entity_poly.pdbx_seq_one_letter_code
;MDFGSLETVVANSAFIAARGSFDASSGPASRDRKYLARLKLPPLSKCEALRESLDLGFEGMCLEQPIGKRLFQQFLRTHE
QHGPALQLWKDIEDYDTADDALRPQKAQALRAAYLEPQAQLFCSFLDAETVARARAGAGDGLFQPLLRAVLAHLGQAPFQ
EFLDSKYFLRFLQWKWLEAQPMGEDWFLDFRVLGRGGFGEVFACQMKATGKLYACKKLNKKRLKKRKGYQGAMVEKKILA
KVHSRFIVSLAYAFETKTDLCLVMTIMNGGDIRYHIYNVDEDNPGFQEPRAIFYTAQIVSGLEHLHQRNIIYRDLKPENV
LLDDDGNVRISDLGLAVELKAGQTKTKGYAGTPGFMAPELLLGEEYDFSVDYFALGVTLYEMIAARGPFRARGEKVENKE
LKQRVLEQAVTYPDKFSPASKDFCEALLQKDPEKRLGFRDGSCDGLRTHPLFRDISWRQLEAGMLTPPFVPDSRTVYAKN
IQDVGAFSTVKGVAFEKADTEFFQEFASGTCPIPWQEEMIETGVFGDLNVWRPDGVDHHHHHH
;
_entity_poly.pdbx_strand_id   A
#
# COMPACT_ATOMS: atom_id res chain seq x y z
N SER A 30 11.83 21.07 -15.46
CA SER A 30 11.62 19.63 -15.82
C SER A 30 12.40 18.76 -14.84
N ARG A 31 13.70 19.04 -14.72
CA ARG A 31 14.64 18.29 -13.87
C ARG A 31 16.05 18.90 -13.93
N ASP A 32 16.90 18.55 -12.97
CA ASP A 32 18.24 19.12 -12.87
C ASP A 32 19.26 18.31 -13.70
N ARG A 33 19.85 18.96 -14.70
CA ARG A 33 20.83 18.31 -15.60
C ARG A 33 22.06 17.79 -14.85
N LYS A 34 22.44 18.47 -13.76
CA LYS A 34 23.59 18.08 -12.95
C LYS A 34 23.33 16.76 -12.20
N TYR A 35 22.11 16.56 -11.72
CA TYR A 35 21.77 15.32 -11.00
C TYR A 35 21.33 14.18 -11.94
N LEU A 36 20.72 14.53 -13.07
CA LEU A 36 20.41 13.55 -14.14
C LEU A 36 21.67 12.90 -14.73
N ALA A 37 22.77 13.64 -14.77
CA ALA A 37 24.02 13.16 -15.36
C ALA A 37 24.78 12.20 -14.45
N ARG A 38 24.30 11.98 -13.23
CA ARG A 38 24.88 10.96 -12.33
C ARG A 38 24.10 9.66 -12.37
N LEU A 39 23.07 9.59 -13.22
CA LEU A 39 22.43 8.31 -13.49
C LEU A 39 23.04 7.78 -14.79
N LYS A 40 24.00 6.87 -14.64
CA LYS A 40 24.65 6.19 -15.77
C LYS A 40 25.12 4.81 -15.32
N LEU A 41 25.00 3.85 -16.24
CA LEU A 41 25.36 2.47 -15.93
C LEU A 41 26.89 2.32 -15.82
N PRO A 42 27.36 1.63 -14.78
CA PRO A 42 28.81 1.45 -14.57
C PRO A 42 29.40 0.34 -15.42
N PRO A 43 30.71 0.38 -15.70
CA PRO A 43 31.39 -0.79 -16.27
C PRO A 43 31.28 -2.00 -15.35
N LEU A 44 31.16 -3.20 -15.94
CA LEU A 44 30.82 -4.42 -15.19
C LEU A 44 31.80 -4.79 -14.08
N SER A 45 33.07 -4.40 -14.24
CA SER A 45 34.10 -4.66 -13.23
C SER A 45 33.68 -4.21 -11.83
N LYS A 46 32.97 -3.09 -11.74
CA LYS A 46 32.52 -2.52 -10.47
C LYS A 46 31.41 -3.31 -9.77
N CYS A 47 30.77 -4.25 -10.48
CA CYS A 47 29.60 -4.94 -9.95
C CYS A 47 29.92 -6.30 -9.31
N GLU A 48 31.21 -6.57 -9.12
CA GLU A 48 31.68 -7.89 -8.69
C GLU A 48 31.10 -8.31 -7.34
N ALA A 49 31.45 -7.56 -6.29
CA ALA A 49 31.05 -7.83 -4.91
C ALA A 49 29.56 -8.14 -4.76
N LEU A 50 28.72 -7.33 -5.39
CA LEU A 50 27.25 -7.41 -5.24
C LEU A 50 26.67 -8.82 -5.29
N ARG A 51 27.24 -9.70 -6.12
CA ARG A 51 26.74 -11.08 -6.25
C ARG A 51 26.44 -11.75 -4.90
N GLU A 52 27.36 -11.62 -3.94
CA GLU A 52 27.21 -12.23 -2.61
C GLU A 52 26.09 -11.59 -1.76
N SER A 53 25.94 -10.28 -1.84
CA SER A 53 24.96 -9.56 -1.01
C SER A 53 23.49 -9.75 -1.41
N LEU A 54 23.23 -10.33 -2.58
CA LEU A 54 21.86 -10.37 -3.14
C LEU A 54 21.19 -11.75 -3.08
N ASP A 55 19.87 -11.72 -2.99
CA ASP A 55 19.04 -12.88 -3.20
C ASP A 55 18.91 -13.12 -4.73
N LEU A 56 19.54 -14.18 -5.24
CA LEU A 56 19.38 -14.57 -6.65
C LEU A 56 18.37 -15.74 -6.79
N GLY A 57 17.30 -15.67 -6.01
CA GLY A 57 16.16 -16.57 -6.14
C GLY A 57 15.18 -15.99 -7.14
N PHE A 58 14.54 -16.88 -7.91
CA PHE A 58 13.61 -16.55 -8.99
C PHE A 58 12.46 -15.64 -8.57
N GLU A 59 11.67 -16.06 -7.60
CA GLU A 59 10.56 -15.26 -7.11
C GLU A 59 11.01 -13.84 -6.76
N GLY A 60 12.09 -13.73 -5.98
CA GLY A 60 12.54 -12.43 -5.48
C GLY A 60 13.15 -11.48 -6.50
N MET A 61 13.69 -12.00 -7.60
CA MET A 61 14.39 -11.18 -8.59
C MET A 61 13.49 -10.85 -9.84
N CYS A 62 12.85 -11.91 -10.37
CA CYS A 62 12.15 -11.87 -11.64
C CYS A 62 10.64 -11.64 -11.51
N LEU A 63 10.07 -11.86 -10.34
CA LEU A 63 8.64 -11.61 -10.11
C LEU A 63 8.32 -10.41 -9.22
N GLU A 64 9.11 -10.18 -8.17
CA GLU A 64 8.81 -9.12 -7.19
C GLU A 64 9.55 -7.79 -7.43
N GLN A 65 10.60 -7.79 -8.25
CA GLN A 65 11.33 -6.56 -8.54
C GLN A 65 11.03 -6.10 -9.97
N PRO A 66 10.44 -4.90 -10.12
CA PRO A 66 9.96 -4.43 -11.41
C PRO A 66 10.97 -4.44 -12.53
N ILE A 67 12.22 -4.04 -12.24
CA ILE A 67 13.27 -4.03 -13.28
C ILE A 67 13.71 -5.46 -13.63
N GLY A 68 13.77 -6.33 -12.63
CA GLY A 68 14.04 -7.75 -12.86
C GLY A 68 13.00 -8.43 -13.77
N LYS A 69 11.73 -8.19 -13.50
CA LYS A 69 10.65 -8.71 -14.33
C LYS A 69 10.74 -8.23 -15.78
N ARG A 70 10.99 -6.94 -15.96
CA ARG A 70 11.13 -6.40 -17.31
C ARG A 70 12.24 -7.08 -18.08
N LEU A 71 13.41 -7.22 -17.43
CA LEU A 71 14.58 -7.79 -18.14
C LEU A 71 14.37 -9.26 -18.46
N PHE A 72 13.81 -10.00 -17.49
CA PHE A 72 13.48 -11.41 -17.68
C PHE A 72 12.54 -11.54 -18.86
N GLN A 73 11.51 -10.72 -18.88
CA GLN A 73 10.58 -10.72 -19.99
C GLN A 73 11.19 -10.38 -21.38
N GLN A 74 12.26 -9.58 -21.45
CA GLN A 74 12.93 -9.32 -22.76
C GLN A 74 13.69 -10.53 -23.24
N PHE A 75 14.32 -11.22 -22.29
CA PHE A 75 15.01 -12.48 -22.57
C PHE A 75 14.03 -13.49 -23.16
N LEU A 76 12.91 -13.69 -22.48
CA LEU A 76 11.88 -14.58 -22.97
C LEU A 76 11.35 -14.15 -24.35
N ARG A 77 11.35 -12.84 -24.61
CA ARG A 77 10.80 -12.31 -25.88
C ARG A 77 11.72 -12.51 -27.08
N THR A 78 13.03 -12.35 -26.88
CA THR A 78 14.07 -12.51 -27.94
C THR A 78 14.69 -13.91 -28.03
N HIS A 79 14.27 -14.83 -27.18
CA HIS A 79 14.65 -16.24 -27.29
C HIS A 79 13.34 -17.01 -27.52
N GLU A 80 13.02 -17.22 -28.79
CA GLU A 80 11.63 -17.42 -29.25
C GLU A 80 11.02 -18.76 -28.88
N GLN A 81 11.86 -19.75 -28.56
CA GLN A 81 11.34 -21.01 -27.99
C GLN A 81 10.55 -20.83 -26.68
N HIS A 82 10.83 -19.77 -25.92
CA HIS A 82 10.04 -19.43 -24.70
C HIS A 82 8.85 -18.50 -24.98
N GLY A 83 8.62 -18.18 -26.25
CA GLY A 83 7.51 -17.36 -26.68
C GLY A 83 6.16 -17.87 -26.23
N PRO A 84 5.88 -19.19 -26.39
CA PRO A 84 4.61 -19.70 -25.94
C PRO A 84 4.36 -19.47 -24.45
N ALA A 85 5.39 -19.56 -23.62
CA ALA A 85 5.21 -19.38 -22.18
C ALA A 85 4.98 -17.91 -21.80
N LEU A 86 5.56 -16.98 -22.56
CA LEU A 86 5.42 -15.55 -22.24
C LEU A 86 4.01 -15.07 -22.49
N GLN A 87 3.47 -15.37 -23.67
CA GLN A 87 2.12 -14.94 -24.06
C GLN A 87 1.00 -15.59 -23.25
N LEU A 88 1.12 -16.88 -22.92
CA LEU A 88 0.19 -17.43 -21.90
C LEU A 88 0.28 -16.66 -20.55
N TRP A 89 1.49 -16.37 -20.09
CA TRP A 89 1.67 -15.60 -18.79
C TRP A 89 0.93 -14.27 -18.85
N LYS A 90 1.19 -13.51 -19.93
CA LYS A 90 0.57 -12.19 -20.16
C LYS A 90 -0.96 -12.28 -20.35
N ASP A 91 -1.44 -13.29 -21.07
CA ASP A 91 -2.87 -13.47 -21.24
C ASP A 91 -3.59 -13.88 -19.95
N ILE A 92 -2.96 -14.63 -19.06
CA ILE A 92 -3.57 -14.84 -17.72
C ILE A 92 -3.72 -13.55 -16.92
N GLU A 93 -2.69 -12.71 -16.87
CA GLU A 93 -2.80 -11.43 -16.13
C GLU A 93 -3.88 -10.54 -16.73
N ASP A 94 -3.98 -10.53 -18.07
CA ASP A 94 -5.02 -9.79 -18.74
C ASP A 94 -6.41 -10.30 -18.41
N TYR A 95 -6.58 -11.61 -18.37
CA TYR A 95 -7.86 -12.17 -17.98
C TYR A 95 -8.18 -11.80 -16.54
N ASP A 96 -7.22 -11.97 -15.61
CA ASP A 96 -7.45 -11.70 -14.17
C ASP A 96 -7.97 -10.28 -13.87
N THR A 97 -7.59 -9.28 -14.67
CA THR A 97 -7.94 -7.87 -14.41
C THR A 97 -8.95 -7.25 -15.38
N ALA A 98 -9.37 -7.99 -16.41
CA ALA A 98 -10.43 -7.54 -17.32
C ALA A 98 -11.78 -7.57 -16.59
N ASP A 99 -12.76 -6.83 -17.08
CA ASP A 99 -14.06 -6.76 -16.37
C ASP A 99 -15.09 -7.80 -16.84
N ASP A 100 -16.09 -8.03 -15.99
CA ASP A 100 -17.01 -9.19 -16.12
C ASP A 100 -17.50 -9.51 -17.53
N ALA A 101 -18.09 -8.55 -18.23
CA ALA A 101 -18.74 -8.85 -19.55
C ALA A 101 -17.77 -9.42 -20.59
N LEU A 102 -16.48 -9.12 -20.45
CA LEU A 102 -15.44 -9.49 -21.40
C LEU A 102 -14.78 -10.86 -21.14
N ARG A 103 -14.93 -11.39 -19.93
CA ARG A 103 -14.15 -12.56 -19.48
C ARG A 103 -14.51 -13.89 -20.16
N PRO A 104 -15.79 -14.24 -20.22
CA PRO A 104 -16.21 -15.45 -20.95
C PRO A 104 -15.56 -15.64 -22.33
N GLN A 105 -15.48 -14.57 -23.14
CA GLN A 105 -14.85 -14.69 -24.46
C GLN A 105 -13.34 -14.85 -24.33
N LYS A 106 -12.69 -14.07 -23.47
CA LYS A 106 -11.24 -14.20 -23.27
C LYS A 106 -10.79 -15.60 -22.82
N ALA A 107 -11.55 -16.24 -21.92
CA ALA A 107 -11.29 -17.65 -21.52
C ALA A 107 -11.28 -18.62 -22.72
N GLN A 108 -12.32 -18.53 -23.53
CA GLN A 108 -12.39 -19.31 -24.77
C GLN A 108 -11.18 -19.12 -25.71
N ALA A 109 -10.79 -17.86 -25.96
CA ALA A 109 -9.57 -17.55 -26.71
C ALA A 109 -8.32 -18.23 -26.12
N LEU A 110 -8.10 -18.09 -24.80
CA LEU A 110 -6.92 -18.65 -24.13
C LEU A 110 -6.84 -20.18 -24.28
N ARG A 111 -7.90 -20.89 -23.87
CA ARG A 111 -8.02 -22.32 -24.20
C ARG A 111 -7.55 -22.69 -25.60
N ALA A 112 -8.14 -22.07 -26.63
CA ALA A 112 -7.83 -22.41 -28.03
C ALA A 112 -6.36 -22.16 -28.40
N ALA A 113 -5.86 -20.96 -28.11
CA ALA A 113 -4.47 -20.59 -28.37
C ALA A 113 -3.43 -21.56 -27.80
N TYR A 114 -3.49 -21.81 -26.48
CA TYR A 114 -2.41 -22.48 -25.75
C TYR A 114 -2.64 -23.91 -25.29
N LEU A 115 -3.90 -24.38 -25.27
CA LEU A 115 -4.24 -25.70 -24.70
C LEU A 115 -4.79 -26.77 -25.68
N GLU A 116 -4.99 -26.46 -26.97
CA GLU A 116 -5.28 -27.53 -27.93
C GLU A 116 -3.95 -28.05 -28.56
N PRO A 117 -3.73 -29.39 -28.57
CA PRO A 117 -2.55 -30.06 -29.16
C PRO A 117 -2.13 -29.64 -30.57
N GLN A 118 -3.08 -29.25 -31.41
CA GLN A 118 -2.75 -28.89 -32.80
C GLN A 118 -2.59 -27.36 -32.96
N ALA A 119 -2.51 -26.62 -31.85
CA ALA A 119 -2.38 -25.15 -31.90
C ALA A 119 -0.92 -24.69 -31.95
N GLN A 120 -0.69 -23.49 -32.49
CA GLN A 120 0.66 -22.99 -32.75
C GLN A 120 1.44 -22.63 -31.48
N LEU A 121 0.75 -22.09 -30.49
CA LEU A 121 1.43 -21.70 -29.27
C LEU A 121 1.18 -22.71 -28.13
N PHE A 122 1.19 -24.00 -28.46
CA PHE A 122 0.81 -25.05 -27.51
C PHE A 122 1.88 -25.36 -26.47
N CYS A 123 1.51 -25.39 -25.19
CA CYS A 123 2.50 -25.51 -24.10
C CYS A 123 2.77 -26.94 -23.59
N SER A 124 3.59 -27.67 -24.37
CA SER A 124 3.97 -29.05 -24.06
C SER A 124 4.51 -29.24 -22.63
N PHE A 125 5.35 -28.32 -22.18
CA PHE A 125 5.93 -28.40 -20.82
C PHE A 125 4.96 -28.63 -19.67
N LEU A 126 3.69 -28.23 -19.84
CA LEU A 126 2.67 -28.46 -18.80
C LEU A 126 2.41 -29.96 -18.67
N ASP A 127 2.05 -30.40 -17.46
CA ASP A 127 1.71 -31.82 -17.21
C ASP A 127 0.24 -32.13 -17.55
N ALA A 128 0.00 -33.36 -17.99
CA ALA A 128 -1.31 -33.81 -18.46
C ALA A 128 -2.51 -33.42 -17.58
N GLU A 129 -2.33 -33.43 -16.26
CA GLU A 129 -3.41 -33.06 -15.32
C GLU A 129 -3.84 -31.60 -15.43
N THR A 130 -2.89 -30.69 -15.26
CA THR A 130 -3.17 -29.27 -15.36
C THR A 130 -3.80 -28.92 -16.69
N VAL A 131 -3.22 -29.43 -17.77
CA VAL A 131 -3.76 -29.21 -19.10
C VAL A 131 -5.26 -29.57 -19.10
N ALA A 132 -5.57 -30.78 -18.61
CA ALA A 132 -6.93 -31.29 -18.59
C ALA A 132 -7.87 -30.44 -17.74
N ARG A 133 -7.45 -30.16 -16.51
CA ARG A 133 -8.28 -29.44 -15.56
C ARG A 133 -8.61 -28.02 -16.00
N ALA A 134 -7.63 -27.36 -16.62
CA ALA A 134 -7.82 -25.99 -17.12
C ALA A 134 -8.90 -25.86 -18.21
N ARG A 135 -9.09 -26.91 -19.03
CA ARG A 135 -10.14 -26.93 -20.08
C ARG A 135 -11.53 -27.40 -19.62
N ALA A 136 -12.14 -26.68 -18.68
CA ALA A 136 -13.48 -27.03 -18.19
C ALA A 136 -13.93 -26.07 -17.10
N GLY A 137 -15.22 -25.70 -17.13
CA GLY A 137 -15.84 -24.92 -16.06
C GLY A 137 -15.39 -23.47 -15.97
N ALA A 138 -15.67 -22.83 -14.84
CA ALA A 138 -15.36 -21.41 -14.61
C ALA A 138 -15.20 -21.11 -13.11
N GLY A 139 -15.58 -19.90 -12.68
CA GLY A 139 -15.46 -19.48 -11.27
C GLY A 139 -14.79 -18.12 -11.14
N ASP A 140 -14.81 -17.58 -9.91
CA ASP A 140 -14.21 -16.25 -9.67
C ASP A 140 -12.66 -16.25 -9.76
N GLY A 141 -12.04 -17.45 -9.72
CA GLY A 141 -10.59 -17.63 -9.93
C GLY A 141 -10.20 -18.84 -10.79
N LEU A 142 -10.66 -18.85 -12.04
CA LEU A 142 -10.18 -19.82 -13.05
C LEU A 142 -8.72 -19.51 -13.39
N PHE A 143 -7.97 -20.52 -13.86
CA PHE A 143 -6.54 -20.35 -14.24
C PHE A 143 -5.57 -19.89 -13.12
N GLN A 144 -5.93 -19.96 -11.84
CA GLN A 144 -4.92 -19.71 -10.80
C GLN A 144 -4.01 -20.95 -10.63
N PRO A 145 -4.57 -22.17 -10.72
CA PRO A 145 -3.68 -23.35 -10.76
C PRO A 145 -2.79 -23.41 -12.03
N LEU A 146 -3.33 -23.00 -13.18
CA LEU A 146 -2.55 -22.92 -14.42
C LEU A 146 -1.42 -21.87 -14.33
N LEU A 147 -1.66 -20.76 -13.64
CA LEU A 147 -0.62 -19.74 -13.49
C LEU A 147 0.58 -20.25 -12.66
N ARG A 148 0.28 -21.03 -11.60
CA ARG A 148 1.33 -21.69 -10.79
C ARG A 148 2.14 -22.65 -11.63
N ALA A 149 1.46 -23.42 -12.48
CA ALA A 149 2.17 -24.39 -13.33
C ALA A 149 3.15 -23.72 -14.30
N VAL A 150 2.78 -22.55 -14.84
CA VAL A 150 3.64 -21.78 -15.76
C VAL A 150 4.82 -21.10 -15.08
N LEU A 151 4.58 -20.48 -13.93
CA LEU A 151 5.70 -19.96 -13.09
C LEU A 151 6.65 -21.11 -12.63
N ALA A 152 6.09 -22.26 -12.24
CA ALA A 152 6.91 -23.40 -11.82
C ALA A 152 7.88 -23.75 -12.92
N HIS A 153 7.36 -23.95 -14.14
CA HIS A 153 8.22 -24.17 -15.31
C HIS A 153 9.23 -23.05 -15.55
N LEU A 154 8.79 -21.80 -15.50
CA LEU A 154 9.69 -20.69 -15.83
C LEU A 154 10.86 -20.58 -14.87
N GLY A 155 10.68 -21.03 -13.63
CA GLY A 155 11.78 -21.02 -12.64
C GLY A 155 12.91 -22.05 -12.80
N GLN A 156 12.72 -23.05 -13.69
CA GLN A 156 13.75 -24.04 -14.01
C GLN A 156 14.62 -23.65 -15.25
N ALA A 157 14.56 -24.42 -16.32
CA ALA A 157 15.48 -24.19 -17.46
C ALA A 157 15.54 -22.70 -17.94
N PRO A 158 14.39 -22.08 -18.24
CA PRO A 158 14.42 -20.69 -18.71
C PRO A 158 15.21 -19.73 -17.81
N PHE A 159 14.93 -19.76 -16.51
CA PHE A 159 15.67 -19.00 -15.48
C PHE A 159 17.17 -19.29 -15.45
N GLN A 160 17.52 -20.58 -15.54
CA GLN A 160 18.91 -21.03 -15.53
C GLN A 160 19.67 -20.41 -16.71
N GLU A 161 19.06 -20.45 -17.90
CA GLU A 161 19.63 -19.86 -19.11
C GLU A 161 19.71 -18.33 -19.02
N PHE A 162 18.74 -17.72 -18.34
CA PHE A 162 18.70 -16.26 -18.20
C PHE A 162 19.94 -15.75 -17.45
N LEU A 163 20.31 -16.45 -16.38
CA LEU A 163 21.53 -16.12 -15.60
C LEU A 163 22.82 -16.20 -16.41
N ASP A 164 22.83 -17.04 -17.45
CA ASP A 164 23.98 -17.12 -18.36
C ASP A 164 23.96 -16.06 -19.48
N SER A 165 22.99 -15.15 -19.44
CA SER A 165 22.75 -14.20 -20.54
C SER A 165 23.10 -12.77 -20.18
N LYS A 166 23.13 -11.93 -21.22
CA LYS A 166 23.51 -10.53 -21.08
C LYS A 166 22.49 -9.71 -20.29
N TYR A 167 21.29 -10.22 -20.14
CA TYR A 167 20.23 -9.51 -19.43
C TYR A 167 20.37 -9.57 -17.90
N PHE A 168 20.87 -10.70 -17.38
CA PHE A 168 21.16 -10.82 -15.95
C PHE A 168 22.32 -9.90 -15.57
N LEU A 169 23.31 -9.81 -16.44
CA LEU A 169 24.45 -8.95 -16.18
C LEU A 169 23.95 -7.49 -16.02
N ARG A 170 23.08 -7.09 -16.95
CA ARG A 170 22.45 -5.77 -16.91
C ARG A 170 21.61 -5.52 -15.64
N PHE A 171 21.07 -6.59 -15.04
CA PHE A 171 20.34 -6.46 -13.78
C PHE A 171 21.29 -5.94 -12.72
N LEU A 172 22.51 -6.46 -12.73
CA LEU A 172 23.53 -6.11 -11.74
C LEU A 172 24.00 -4.66 -11.85
N GLN A 173 24.11 -4.16 -13.08
CA GLN A 173 24.37 -2.76 -13.31
C GLN A 173 23.29 -1.89 -12.63
N TRP A 174 22.01 -2.20 -12.83
CA TRP A 174 20.93 -1.40 -12.20
C TRP A 174 20.97 -1.51 -10.66
N LYS A 175 21.19 -2.71 -10.12
CA LYS A 175 21.22 -2.86 -8.66
C LYS A 175 22.38 -2.10 -8.04
N TRP A 176 23.44 -1.87 -8.80
CA TRP A 176 24.58 -1.09 -8.32
C TRP A 176 24.19 0.36 -8.19
N LEU A 177 23.64 0.92 -9.26
CA LEU A 177 23.14 2.30 -9.29
C LEU A 177 22.09 2.57 -8.21
N GLU A 178 21.18 1.62 -8.01
CA GLU A 178 20.20 1.63 -6.91
C GLU A 178 20.83 1.81 -5.52
N ALA A 179 22.10 1.40 -5.38
CA ALA A 179 22.78 1.36 -4.08
C ALA A 179 23.59 2.62 -3.80
N GLN A 180 23.81 3.47 -4.80
CA GLN A 180 24.66 4.65 -4.62
C GLN A 180 23.98 5.63 -3.68
N PRO A 181 24.75 6.54 -3.04
CA PRO A 181 24.13 7.39 -2.01
C PRO A 181 23.22 8.47 -2.63
N MET A 182 21.99 8.59 -2.12
CA MET A 182 20.98 9.51 -2.67
C MET A 182 20.24 10.21 -1.52
N GLY A 183 20.97 11.07 -0.79
CA GLY A 183 20.48 11.82 0.38
C GLY A 183 19.91 13.22 0.14
N GLU A 184 19.98 14.06 1.19
CA GLU A 184 19.34 15.40 1.26
C GLU A 184 19.49 16.28 0.01
N ASP A 185 20.70 16.32 -0.54
CA ASP A 185 21.01 17.14 -1.70
C ASP A 185 20.17 16.85 -2.94
N TRP A 186 19.58 15.65 -3.01
CA TRP A 186 18.82 15.21 -4.20
C TRP A 186 17.34 15.65 -4.23
N PHE A 187 16.87 16.35 -3.20
CA PHE A 187 15.46 16.75 -3.12
C PHE A 187 15.28 18.26 -2.93
N LEU A 188 14.29 18.82 -3.61
CA LEU A 188 13.97 20.25 -3.54
C LEU A 188 12.60 20.38 -2.87
N ASP A 189 12.54 21.05 -1.72
CA ASP A 189 11.27 21.38 -1.05
C ASP A 189 10.66 22.65 -1.66
N PHE A 190 9.38 22.65 -2.03
CA PHE A 190 8.79 23.85 -2.68
C PHE A 190 7.46 24.38 -2.11
N ARG A 191 6.80 23.63 -1.21
CA ARG A 191 5.55 24.08 -0.58
C ARG A 191 5.25 23.25 0.68
N VAL A 192 4.54 23.84 1.65
CA VAL A 192 4.16 23.12 2.86
C VAL A 192 2.78 22.46 2.70
N LEU A 193 2.72 21.15 2.93
CA LEU A 193 1.45 20.40 2.84
C LEU A 193 0.72 20.27 4.18
N GLY A 194 1.44 20.32 5.31
CA GLY A 194 0.84 20.07 6.63
C GLY A 194 1.80 20.12 7.82
N ARG A 195 1.26 19.96 9.02
CA ARG A 195 2.06 20.07 10.25
C ARG A 195 1.75 18.89 11.16
N GLY A 196 2.78 18.18 11.61
CA GLY A 196 2.65 17.10 12.61
C GLY A 196 3.21 17.48 13.99
N GLY A 197 3.42 16.48 14.83
CA GLY A 197 3.84 16.74 16.21
C GLY A 197 5.32 17.07 16.32
N PHE A 198 6.11 16.62 15.34
CA PHE A 198 7.58 16.77 15.40
C PHE A 198 8.20 17.66 14.32
N GLY A 199 7.38 18.18 13.40
CA GLY A 199 7.83 19.09 12.33
C GLY A 199 6.84 19.11 11.17
N GLU A 200 7.25 19.70 10.06
CA GLU A 200 6.38 19.88 8.90
C GLU A 200 6.48 18.76 7.88
N VAL A 201 5.49 18.65 7.00
CA VAL A 201 5.53 17.74 5.86
C VAL A 201 5.55 18.61 4.59
N PHE A 202 6.53 18.39 3.72
CA PHE A 202 6.71 19.21 2.49
C PHE A 202 6.42 18.45 1.16
N ALA A 203 5.94 19.18 0.16
CA ALA A 203 5.88 18.65 -1.20
C ALA A 203 7.26 18.84 -1.79
N CYS A 204 7.86 17.79 -2.34
CA CYS A 204 9.22 17.92 -2.86
C CYS A 204 9.43 17.16 -4.16
N GLN A 205 10.55 17.47 -4.82
CA GLN A 205 10.87 16.91 -6.13
C GLN A 205 12.18 16.15 -6.08
N MET A 206 12.20 14.95 -6.68
CA MET A 206 13.47 14.23 -6.90
C MET A 206 14.15 14.91 -8.07
N LYS A 207 15.30 15.54 -7.80
CA LYS A 207 15.95 16.41 -8.76
C LYS A 207 16.34 15.76 -10.09
N ALA A 208 16.74 14.49 -10.06
CA ALA A 208 17.18 13.80 -11.28
C ALA A 208 16.05 13.41 -12.22
N THR A 209 14.93 12.95 -11.68
CA THR A 209 13.84 12.41 -12.49
C THR A 209 12.62 13.33 -12.62
N GLY A 210 12.47 14.33 -11.76
CA GLY A 210 11.26 15.19 -11.76
C GLY A 210 10.06 14.72 -10.92
N LYS A 211 10.14 13.51 -10.36
CA LYS A 211 9.01 12.93 -9.68
C LYS A 211 8.70 13.64 -8.33
N LEU A 212 7.42 13.70 -8.00
CA LEU A 212 6.94 14.45 -6.87
C LEU A 212 6.68 13.49 -5.73
N TYR A 213 7.03 13.91 -4.52
CA TYR A 213 6.78 13.13 -3.31
C TYR A 213 6.37 14.06 -2.19
N ALA A 214 6.01 13.47 -1.05
CA ALA A 214 5.87 14.18 0.22
C ALA A 214 7.09 13.85 1.08
N CYS A 215 7.64 14.82 1.81
CA CYS A 215 8.78 14.55 2.75
C CYS A 215 8.40 14.94 4.15
N LYS A 216 8.27 13.97 5.05
CA LYS A 216 7.91 14.25 6.45
C LYS A 216 9.19 14.45 7.27
N LYS A 217 9.31 15.59 7.97
CA LYS A 217 10.52 15.92 8.80
C LYS A 217 10.29 15.73 10.30
N LEU A 218 11.21 15.04 11.00
CA LEU A 218 11.14 14.92 12.46
C LEU A 218 12.36 15.61 13.10
N ASN A 219 12.14 16.59 13.96
CA ASN A 219 13.23 17.30 14.63
C ASN A 219 13.87 16.39 15.67
N LYS A 220 15.20 16.23 15.59
CA LYS A 220 15.93 15.29 16.47
C LYS A 220 15.87 15.60 17.98
N LYS A 221 16.10 16.86 18.33
CA LYS A 221 16.09 17.32 19.74
C LYS A 221 14.72 17.18 20.39
N ARG A 222 13.68 17.41 19.60
CA ARG A 222 12.31 17.32 20.06
C ARG A 222 11.88 15.85 20.26
N LEU A 223 12.29 14.98 19.33
CA LEU A 223 12.07 13.52 19.46
C LEU A 223 12.72 12.99 20.76
N LYS A 224 13.95 13.43 21.04
CA LYS A 224 14.60 13.01 22.27
C LYS A 224 13.83 13.44 23.52
N LYS A 225 13.72 14.75 23.78
CA LYS A 225 13.05 15.24 25.01
C LYS A 225 11.66 14.63 25.27
N ARG A 226 10.92 14.32 24.21
CA ARG A 226 9.57 13.77 24.34
C ARG A 226 9.53 12.23 24.23
N LYS A 227 10.69 11.57 24.26
CA LYS A 227 10.74 10.10 24.18
C LYS A 227 9.97 9.47 23.00
N GLY A 228 10.18 9.97 21.79
CA GLY A 228 9.46 9.44 20.62
C GLY A 228 10.21 8.54 19.64
N TYR A 229 11.37 8.01 20.02
CA TYR A 229 12.16 7.16 19.12
C TYR A 229 11.41 5.93 18.69
N GLN A 230 10.81 5.27 19.66
CA GLN A 230 10.16 4.02 19.40
C GLN A 230 9.03 4.12 18.37
N GLY A 231 8.21 5.20 18.49
CA GLY A 231 7.08 5.43 17.59
C GLY A 231 7.54 5.81 16.19
N ALA A 232 8.62 6.56 16.11
CA ALA A 232 9.18 6.94 14.83
C ALA A 232 9.75 5.73 14.06
N MET A 233 10.48 4.84 14.77
CA MET A 233 11.12 3.65 14.18
C MET A 233 10.10 2.61 13.73
N VAL A 234 9.03 2.43 14.50
CA VAL A 234 7.99 1.50 14.11
C VAL A 234 7.28 1.91 12.81
N GLU A 235 7.06 3.21 12.63
CA GLU A 235 6.41 3.72 11.42
C GLU A 235 7.32 3.50 10.24
N LYS A 236 8.59 3.86 10.38
CA LYS A 236 9.55 3.66 9.29
C LYS A 236 9.75 2.18 8.93
N LYS A 237 9.99 1.31 9.91
CA LYS A 237 10.04 -0.15 9.61
C LYS A 237 8.82 -0.65 8.79
N ILE A 238 7.59 -0.26 9.19
CA ILE A 238 6.37 -0.79 8.57
C ILE A 238 6.19 -0.24 7.17
N LEU A 239 6.41 1.06 6.98
CA LEU A 239 6.24 1.65 5.64
C LEU A 239 7.29 1.16 4.64
N ALA A 240 8.47 0.75 5.11
CA ALA A 240 9.50 0.18 4.22
C ALA A 240 9.10 -1.22 3.71
N LYS A 241 8.65 -2.09 4.60
CA LYS A 241 8.48 -3.50 4.24
C LYS A 241 7.15 -3.92 3.59
N VAL A 242 6.08 -3.16 3.80
CA VAL A 242 4.77 -3.45 3.23
C VAL A 242 4.62 -2.75 1.85
N HIS A 243 4.01 -3.42 0.88
N HIS A 243 4.12 -3.46 0.83
CA HIS A 243 3.91 -2.88 -0.46
CA HIS A 243 3.87 -2.84 -0.49
C HIS A 243 2.45 -3.05 -0.97
C HIS A 243 2.42 -3.07 -0.90
N SER A 244 1.62 -2.03 -0.71
CA SER A 244 0.20 -2.03 -1.03
C SER A 244 -0.23 -0.70 -1.65
N ARG A 245 -1.12 -0.75 -2.65
CA ARG A 245 -1.72 0.46 -3.23
C ARG A 245 -2.69 1.17 -2.30
N PHE A 246 -2.97 0.61 -1.12
CA PHE A 246 -3.85 1.26 -0.15
C PHE A 246 -3.17 1.79 1.11
N ILE A 247 -1.83 1.77 1.15
CA ILE A 247 -1.05 2.32 2.28
C ILE A 247 0.09 3.21 1.70
N VAL A 248 0.36 4.36 2.29
CA VAL A 248 1.46 5.19 1.78
C VAL A 248 2.78 4.40 1.73
N SER A 249 3.54 4.53 0.62
CA SER A 249 4.83 3.84 0.43
C SER A 249 6.07 4.71 0.70
N LEU A 250 7.03 4.14 1.39
CA LEU A 250 8.29 4.79 1.68
C LEU A 250 9.22 4.58 0.49
N ALA A 251 9.80 5.64 -0.07
CA ALA A 251 10.81 5.49 -1.12
C ALA A 251 12.24 5.74 -0.60
N TYR A 252 12.44 6.72 0.28
CA TYR A 252 13.79 6.97 0.85
C TYR A 252 13.75 7.31 2.35
N ALA A 253 14.86 7.03 3.05
CA ALA A 253 15.05 7.44 4.44
C ALA A 253 16.48 7.95 4.69
N PHE A 254 16.65 9.23 5.04
CA PHE A 254 17.96 9.79 5.37
C PHE A 254 17.96 10.72 6.56
N GLU A 255 19.13 11.22 6.96
CA GLU A 255 19.21 12.28 7.99
C GLU A 255 19.90 13.55 7.46
N THR A 256 19.59 14.68 8.10
CA THR A 256 20.31 15.96 7.93
C THR A 256 20.87 16.38 9.29
N LYS A 257 21.59 17.48 9.37
CA LYS A 257 22.13 17.89 10.66
C LYS A 257 21.06 18.16 11.73
N THR A 258 19.84 18.49 11.32
CA THR A 258 18.78 18.75 12.31
C THR A 258 17.53 17.85 12.28
N ASP A 259 17.28 17.13 11.18
CA ASP A 259 16.04 16.29 11.03
C ASP A 259 16.26 14.84 10.55
N LEU A 260 15.32 13.96 10.86
CA LEU A 260 15.18 12.70 10.13
C LEU A 260 14.11 12.91 9.05
N CYS A 261 14.24 12.31 7.89
CA CYS A 261 13.28 12.52 6.82
C CYS A 261 12.75 11.21 6.25
N LEU A 262 11.42 11.12 6.06
CA LEU A 262 10.74 10.06 5.31
C LEU A 262 10.14 10.59 3.99
N VAL A 263 10.63 10.11 2.85
CA VAL A 263 10.13 10.54 1.55
C VAL A 263 9.15 9.48 1.04
N MET A 264 7.91 9.89 0.80
CA MET A 264 6.80 8.95 0.58
C MET A 264 5.78 9.44 -0.42
N THR A 265 4.88 8.54 -0.81
CA THR A 265 3.83 8.84 -1.81
C THR A 265 3.13 10.17 -1.50
N ILE A 266 3.04 11.07 -2.48
CA ILE A 266 2.33 12.34 -2.29
C ILE A 266 0.84 12.15 -2.46
N MET A 267 0.07 12.58 -1.47
CA MET A 267 -1.38 12.51 -1.53
C MET A 267 -1.92 13.95 -1.53
N ASN A 268 -2.21 14.47 -2.73
CA ASN A 268 -2.48 15.90 -2.91
C ASN A 268 -3.84 16.39 -2.43
N GLY A 269 -4.80 15.49 -2.27
CA GLY A 269 -6.11 15.89 -1.78
C GLY A 269 -6.20 16.06 -0.27
N GLY A 270 -5.16 15.70 0.47
CA GLY A 270 -5.25 15.70 1.94
C GLY A 270 -6.43 14.87 2.49
N ASP A 271 -6.71 15.05 3.76
CA ASP A 271 -7.53 14.11 4.50
C ASP A 271 -9.03 14.11 4.15
N ILE A 272 -9.66 12.94 4.27
CA ILE A 272 -11.08 12.71 4.04
C ILE A 272 -12.00 13.53 4.92
N ARG A 273 -11.55 13.87 6.12
CA ARG A 273 -12.35 14.69 7.02
C ARG A 273 -12.56 16.14 6.53
N TYR A 274 -11.53 16.74 5.94
CA TYR A 274 -11.68 18.03 5.31
C TYR A 274 -12.87 17.98 4.35
N HIS A 275 -12.93 16.92 3.52
CA HIS A 275 -14.00 16.78 2.53
C HIS A 275 -15.42 16.53 3.10
N ILE A 276 -15.54 15.90 4.27
CA ILE A 276 -16.86 15.75 4.94
C ILE A 276 -17.44 17.12 5.36
N TYR A 277 -16.62 17.95 6.01
CA TYR A 277 -17.11 19.18 6.67
C TYR A 277 -16.86 20.50 5.95
N ASN A 278 -15.67 20.66 5.36
CA ASN A 278 -15.16 21.98 4.98
C ASN A 278 -15.40 22.45 3.53
N VAL A 279 -16.10 21.66 2.73
CA VAL A 279 -16.26 22.00 1.31
C VAL A 279 -17.68 22.50 1.01
N ASP A 280 -18.67 21.66 1.32
CA ASP A 280 -20.09 22.04 1.23
C ASP A 280 -20.64 22.21 2.65
N GLU A 281 -20.54 23.42 3.18
CA GLU A 281 -20.93 23.75 4.56
C GLU A 281 -22.42 23.51 4.85
N ASP A 282 -23.29 23.96 3.95
CA ASP A 282 -24.73 23.77 4.09
C ASP A 282 -25.12 22.29 4.14
N ASN A 283 -24.53 21.49 3.26
CA ASN A 283 -24.91 20.08 3.12
C ASN A 283 -23.72 19.11 3.24
N PRO A 284 -23.17 18.96 4.46
CA PRO A 284 -22.00 18.12 4.70
C PRO A 284 -22.30 16.62 4.61
N GLY A 285 -21.28 15.80 4.38
CA GLY A 285 -21.44 14.36 4.26
C GLY A 285 -21.37 13.84 2.83
N PHE A 286 -21.13 12.53 2.66
CA PHE A 286 -21.00 11.94 1.34
C PHE A 286 -22.26 11.20 0.94
N GLN A 287 -22.53 11.20 -0.34
CA GLN A 287 -23.47 10.27 -0.93
C GLN A 287 -22.98 8.84 -0.82
N GLU A 288 -23.93 7.91 -0.81
CA GLU A 288 -23.65 6.55 -0.37
C GLU A 288 -22.65 5.76 -1.23
N PRO A 289 -22.79 5.78 -2.56
CA PRO A 289 -21.81 5.12 -3.44
C PRO A 289 -20.35 5.53 -3.18
N ARG A 290 -20.13 6.81 -2.95
CA ARG A 290 -18.81 7.34 -2.60
C ARG A 290 -18.32 6.78 -1.25
N ALA A 291 -19.16 6.84 -0.23
CA ALA A 291 -18.81 6.31 1.09
C ALA A 291 -18.42 4.81 1.04
N ILE A 292 -19.16 4.03 0.25
CA ILE A 292 -18.91 2.59 0.08
C ILE A 292 -17.54 2.34 -0.55
N PHE A 293 -17.28 2.99 -1.68
CA PHE A 293 -15.99 2.94 -2.38
C PHE A 293 -14.78 3.18 -1.44
N TYR A 294 -14.77 4.29 -0.69
CA TYR A 294 -13.67 4.49 0.29
C TYR A 294 -13.63 3.39 1.35
N THR A 295 -14.80 2.92 1.79
CA THR A 295 -14.86 1.83 2.78
C THR A 295 -14.16 0.59 2.25
N ALA A 296 -14.41 0.25 1.00
CA ALA A 296 -13.83 -0.93 0.37
C ALA A 296 -12.30 -0.83 0.27
N GLN A 297 -11.77 0.35 -0.09
CA GLN A 297 -10.31 0.56 -0.14
C GLN A 297 -9.64 0.51 1.25
N ILE A 298 -10.29 1.04 2.28
CA ILE A 298 -9.75 0.93 3.68
C ILE A 298 -9.70 -0.55 4.17
N VAL A 299 -10.73 -1.33 3.88
CA VAL A 299 -10.72 -2.77 4.20
C VAL A 299 -9.51 -3.52 3.59
N SER A 300 -9.23 -3.31 2.31
CA SER A 300 -8.05 -3.92 1.68
C SER A 300 -6.74 -3.55 2.38
N GLY A 301 -6.57 -2.29 2.71
CA GLY A 301 -5.37 -1.87 3.44
C GLY A 301 -5.27 -2.49 4.84
N LEU A 302 -6.35 -2.41 5.61
CA LEU A 302 -6.45 -3.18 6.87
C LEU A 302 -5.99 -4.64 6.71
N GLU A 303 -6.45 -5.30 5.65
CA GLU A 303 -6.14 -6.72 5.43
C GLU A 303 -4.67 -7.00 5.19
N HIS A 304 -4.02 -6.13 4.42
N HIS A 304 -4.00 -6.14 4.43
CA HIS A 304 -2.60 -6.24 4.16
CA HIS A 304 -2.57 -6.30 4.20
C HIS A 304 -1.78 -6.05 5.47
C HIS A 304 -1.80 -6.12 5.53
N LEU A 305 -2.22 -5.17 6.37
CA LEU A 305 -1.57 -5.05 7.71
C LEU A 305 -1.80 -6.31 8.53
N HIS A 306 -3.05 -6.79 8.58
CA HIS A 306 -3.41 -7.91 9.51
C HIS A 306 -2.80 -9.27 9.08
N GLN A 307 -2.66 -9.47 7.80
CA GLN A 307 -1.91 -10.63 7.27
C GLN A 307 -0.44 -10.67 7.75
N ARG A 308 0.15 -9.53 8.17
CA ARG A 308 1.52 -9.53 8.67
CA ARG A 308 1.52 -9.57 8.70
C ARG A 308 1.57 -9.40 10.18
N ASN A 309 0.46 -9.68 10.84
CA ASN A 309 0.33 -9.57 12.29
C ASN A 309 0.53 -8.18 12.87
N ILE A 310 0.17 -7.16 12.08
CA ILE A 310 0.26 -5.76 12.56
C ILE A 310 -1.13 -5.23 13.00
N ILE A 311 -1.23 -4.62 14.17
CA ILE A 311 -2.44 -3.84 14.56
C ILE A 311 -2.20 -2.34 14.43
N TYR A 312 -3.08 -1.64 13.71
CA TYR A 312 -2.93 -0.19 13.33
C TYR A 312 -3.11 0.75 14.50
N ARG A 313 -4.30 0.69 15.11
CA ARG A 313 -4.64 1.42 16.34
C ARG A 313 -4.89 2.92 16.17
N ASP A 314 -5.09 3.38 14.95
CA ASP A 314 -5.30 4.81 14.73
C ASP A 314 -6.10 5.14 13.48
N LEU A 315 -7.05 4.28 13.13
CA LEU A 315 -7.95 4.54 12.03
C LEU A 315 -9.00 5.61 12.37
N LYS A 316 -9.03 6.69 11.58
CA LYS A 316 -10.06 7.70 11.63
C LYS A 316 -10.05 8.51 10.33
N PRO A 317 -11.14 9.27 10.03
CA PRO A 317 -11.20 10.09 8.82
C PRO A 317 -10.00 11.04 8.64
N GLU A 318 -9.53 11.60 9.75
CA GLU A 318 -8.38 12.52 9.76
C GLU A 318 -7.06 11.91 9.20
N ASN A 319 -6.94 10.58 9.20
CA ASN A 319 -5.73 9.86 8.79
C ASN A 319 -5.88 9.07 7.51
N VAL A 320 -7.04 9.15 6.88
CA VAL A 320 -7.23 8.55 5.56
C VAL A 320 -7.05 9.66 4.54
N LEU A 321 -6.06 9.52 3.64
CA LEU A 321 -5.73 10.55 2.62
C LEU A 321 -6.20 10.21 1.20
N LEU A 322 -6.32 11.25 0.36
CA LEU A 322 -6.91 11.18 -0.99
C LEU A 322 -5.92 11.71 -2.05
N ASP A 323 -5.82 11.06 -3.21
CA ASP A 323 -4.88 11.48 -4.29
C ASP A 323 -5.58 12.17 -5.45
N ASP A 324 -4.79 12.68 -6.39
CA ASP A 324 -5.33 13.38 -7.58
C ASP A 324 -6.36 12.59 -8.38
N ASP A 325 -6.25 11.27 -8.45
CA ASP A 325 -7.22 10.47 -9.21
C ASP A 325 -8.51 10.15 -8.46
N GLY A 326 -8.51 10.37 -7.13
CA GLY A 326 -9.61 10.01 -6.26
C GLY A 326 -9.52 8.66 -5.55
N ASN A 327 -8.37 8.00 -5.53
CA ASN A 327 -8.20 6.84 -4.67
C ASN A 327 -7.68 7.26 -3.24
N VAL A 328 -7.93 6.45 -2.21
CA VAL A 328 -7.40 6.72 -0.85
C VAL A 328 -6.39 5.69 -0.30
N ARG A 329 -5.67 6.09 0.75
CA ARG A 329 -4.77 5.21 1.49
C ARG A 329 -4.74 5.56 2.98
N ILE A 330 -4.38 4.59 3.83
CA ILE A 330 -4.19 4.89 5.24
C ILE A 330 -2.77 5.43 5.53
N SER A 331 -2.63 6.22 6.62
CA SER A 331 -1.33 6.82 7.05
C SER A 331 -1.25 6.96 8.57
N ASP A 332 -0.08 7.42 9.05
CA ASP A 332 0.27 7.62 10.50
C ASP A 332 0.35 6.28 11.25
N LEU A 333 1.51 5.64 11.22
CA LEU A 333 1.66 4.29 11.78
C LEU A 333 2.44 4.21 13.12
N GLY A 334 2.52 5.34 13.83
CA GLY A 334 3.36 5.43 15.01
C GLY A 334 2.80 4.82 16.27
N LEU A 335 1.53 4.41 16.23
CA LEU A 335 0.85 3.82 17.37
C LEU A 335 0.72 2.27 17.15
N ALA A 336 1.22 1.79 16.02
CA ALA A 336 1.08 0.37 15.61
C ALA A 336 1.91 -0.55 16.48
N VAL A 337 1.52 -1.83 16.49
CA VAL A 337 2.25 -2.87 17.22
C VAL A 337 2.33 -4.15 16.36
N GLU A 338 3.53 -4.74 16.27
CA GLU A 338 3.75 -5.99 15.53
C GLU A 338 3.72 -7.11 16.52
N LEU A 339 2.78 -8.04 16.37
CA LEU A 339 2.72 -9.18 17.29
C LEU A 339 3.92 -10.13 17.06
N LYS A 340 4.62 -10.50 18.13
CA LYS A 340 5.76 -11.43 18.03
C LYS A 340 5.33 -12.88 17.78
N ALA A 341 6.32 -13.74 17.61
CA ALA A 341 6.16 -15.22 17.47
C ALA A 341 5.27 -15.89 18.54
N GLY A 342 4.11 -16.40 18.09
CA GLY A 342 3.17 -17.11 18.97
C GLY A 342 2.58 -16.23 20.07
N GLN A 343 2.18 -15.02 19.67
CA GLN A 343 1.47 -14.08 20.50
C GLN A 343 0.22 -13.73 19.67
N THR A 344 -0.97 -13.85 20.25
CA THR A 344 -2.19 -13.53 19.51
C THR A 344 -2.94 -12.31 20.00
N LYS A 345 -2.53 -11.70 21.12
CA LYS A 345 -3.17 -10.47 21.62
C LYS A 345 -2.14 -9.59 22.34
N THR A 346 -2.51 -8.33 22.60
CA THR A 346 -1.66 -7.36 23.31
C THR A 346 -2.50 -6.53 24.29
N LYS A 347 -1.87 -5.69 25.12
CA LYS A 347 -2.56 -4.72 25.96
C LYS A 347 -2.10 -3.29 25.62
N GLY A 348 -2.77 -2.29 26.17
CA GLY A 348 -2.27 -0.92 26.11
C GLY A 348 -3.33 0.10 25.72
N TYR A 349 -3.28 1.26 26.38
CA TYR A 349 -4.30 2.30 26.22
C TYR A 349 -3.85 3.37 25.23
N ALA A 350 -4.06 3.15 23.93
CA ALA A 350 -3.67 4.13 22.91
C ALA A 350 -4.86 4.45 22.04
N GLY A 351 -4.97 5.70 21.56
CA GLY A 351 -5.94 6.09 20.51
C GLY A 351 -6.63 7.44 20.70
N THR A 352 -7.69 7.67 19.96
CA THR A 352 -8.42 8.93 19.99
C THR A 352 -9.82 8.64 20.56
N PRO A 353 -10.20 9.32 21.63
CA PRO A 353 -11.52 9.13 22.22
C PRO A 353 -12.66 9.18 21.22
N GLY A 354 -13.61 8.24 21.34
CA GLY A 354 -14.67 8.08 20.34
C GLY A 354 -14.35 7.10 19.22
N PHE A 355 -13.10 6.66 19.13
CA PHE A 355 -12.67 5.68 18.14
C PHE A 355 -12.20 4.36 18.76
N MET A 356 -11.98 4.37 20.08
CA MET A 356 -11.45 3.21 20.81
C MET A 356 -12.61 2.29 21.22
N ALA A 357 -12.45 0.98 20.99
CA ALA A 357 -13.52 0.01 21.22
C ALA A 357 -13.70 -0.30 22.72
N PRO A 358 -14.83 -0.91 23.09
CA PRO A 358 -15.10 -1.25 24.48
C PRO A 358 -14.05 -2.14 25.16
N GLU A 359 -13.56 -3.16 24.47
CA GLU A 359 -12.58 -4.06 25.06
C GLU A 359 -11.30 -3.30 25.50
N LEU A 360 -10.88 -2.33 24.71
CA LEU A 360 -9.71 -1.52 25.03
C LEU A 360 -9.98 -0.61 26.23
N LEU A 361 -11.13 0.07 26.21
CA LEU A 361 -11.50 0.97 27.28
C LEU A 361 -11.56 0.22 28.62
N LEU A 362 -11.93 -1.05 28.55
CA LEU A 362 -12.10 -1.90 29.73
C LEU A 362 -10.80 -2.50 30.30
N GLY A 363 -9.67 -2.29 29.61
CA GLY A 363 -8.37 -2.81 30.08
C GLY A 363 -8.12 -4.30 29.77
N GLU A 364 -8.75 -4.80 28.72
CA GLU A 364 -8.62 -6.21 28.37
C GLU A 364 -7.51 -6.40 27.34
N GLU A 365 -7.13 -7.65 27.10
CA GLU A 365 -6.25 -7.98 26.01
C GLU A 365 -7.04 -7.94 24.71
N TYR A 366 -6.41 -7.57 23.61
CA TYR A 366 -7.10 -7.48 22.33
C TYR A 366 -6.20 -7.79 21.17
N ASP A 367 -6.84 -8.00 20.01
CA ASP A 367 -6.19 -8.22 18.73
C ASP A 367 -6.75 -7.25 17.66
N PHE A 368 -6.87 -7.67 16.39
CA PHE A 368 -7.35 -6.81 15.31
C PHE A 368 -8.77 -6.19 15.52
N SER A 369 -9.53 -6.70 16.49
CA SER A 369 -10.89 -6.25 16.76
C SER A 369 -11.04 -4.69 16.77
N VAL A 370 -10.09 -4.01 17.41
CA VAL A 370 -10.15 -2.56 17.61
C VAL A 370 -10.11 -1.76 16.30
N ASP A 371 -9.43 -2.29 15.31
CA ASP A 371 -9.42 -1.66 14.00
C ASP A 371 -10.79 -1.72 13.31
N TYR A 372 -11.52 -2.83 13.45
CA TYR A 372 -12.82 -2.98 12.79
C TYR A 372 -13.97 -2.15 13.48
N PHE A 373 -13.90 -1.89 14.78
CA PHE A 373 -14.76 -0.91 15.43
C PHE A 373 -14.55 0.53 14.94
N ALA A 374 -13.30 0.94 14.77
CA ALA A 374 -12.99 2.29 14.24
C ALA A 374 -13.40 2.45 12.76
N LEU A 375 -13.44 1.32 12.03
CA LEU A 375 -13.96 1.34 10.69
C LEU A 375 -15.47 1.63 10.71
N GLY A 376 -16.15 1.17 11.76
CA GLY A 376 -17.60 1.39 11.89
C GLY A 376 -17.87 2.86 12.15
N VAL A 377 -17.17 3.43 13.13
CA VAL A 377 -17.25 4.86 13.46
C VAL A 377 -16.96 5.70 12.22
N THR A 378 -15.92 5.35 11.47
CA THR A 378 -15.56 6.08 10.21
C THR A 378 -16.63 6.05 9.10
N LEU A 379 -17.25 4.91 8.80
CA LEU A 379 -18.31 4.89 7.79
C LEU A 379 -19.50 5.74 8.27
N TYR A 380 -19.84 5.62 9.56
CA TYR A 380 -20.98 6.31 10.18
C TYR A 380 -20.86 7.82 9.92
N GLU A 381 -19.68 8.35 10.21
CA GLU A 381 -19.39 9.75 10.04
C GLU A 381 -19.36 10.21 8.56
N MET A 382 -18.86 9.39 7.65
CA MET A 382 -18.94 9.74 6.21
C MET A 382 -20.39 9.98 5.74
N ILE A 383 -21.33 9.14 6.18
CA ILE A 383 -22.73 9.25 5.77
C ILE A 383 -23.52 10.37 6.51
N ALA A 384 -23.29 10.50 7.82
CA ALA A 384 -24.13 11.33 8.68
C ALA A 384 -23.55 12.71 8.97
N ALA A 385 -22.24 12.88 8.83
CA ALA A 385 -21.58 14.16 9.15
C ALA A 385 -21.70 14.47 10.64
N ARG A 386 -21.57 13.42 11.45
CA ARG A 386 -21.50 13.52 12.91
C ARG A 386 -21.12 12.15 13.46
N GLY A 387 -20.68 12.07 14.71
CA GLY A 387 -20.32 10.79 15.30
C GLY A 387 -21.53 10.07 15.85
N PRO A 388 -21.45 8.74 16.02
CA PRO A 388 -22.57 7.96 16.58
C PRO A 388 -22.80 8.14 18.11
N PHE A 389 -21.83 8.71 18.82
CA PHE A 389 -22.01 8.94 20.26
C PHE A 389 -22.10 10.41 20.69
N ARG A 390 -22.11 11.35 19.74
CA ARG A 390 -22.33 12.79 20.05
C ARG A 390 -22.88 13.59 18.85
N ALA A 391 -23.81 14.52 19.11
CA ALA A 391 -24.35 15.45 18.09
C ALA A 391 -23.27 16.35 17.48
N ARG A 392 -23.50 16.81 16.25
CA ARG A 392 -22.50 17.63 15.54
C ARG A 392 -22.29 18.95 16.26
N GLY A 393 -21.03 19.29 16.54
CA GLY A 393 -20.70 20.43 17.41
C GLY A 393 -21.36 20.32 18.79
N GLU A 394 -21.21 19.17 19.44
CA GLU A 394 -21.56 19.00 20.86
C GLU A 394 -20.23 18.93 21.61
N LYS A 395 -20.25 19.28 22.90
CA LYS A 395 -19.03 19.29 23.70
C LYS A 395 -19.13 18.35 24.90
N VAL A 396 -18.26 17.33 24.90
CA VAL A 396 -18.34 16.26 25.88
C VAL A 396 -16.94 15.97 26.42
N GLU A 397 -16.80 16.01 27.74
CA GLU A 397 -15.55 15.63 28.41
C GLU A 397 -15.33 14.15 28.17
N ASN A 398 -14.07 13.76 28.06
CA ASN A 398 -13.68 12.39 27.72
C ASN A 398 -14.34 11.31 28.60
N LYS A 399 -14.46 11.55 29.90
CA LYS A 399 -15.10 10.59 30.82
C LYS A 399 -16.55 10.23 30.42
N GLU A 400 -17.28 11.23 29.94
CA GLU A 400 -18.68 11.05 29.56
C GLU A 400 -18.76 10.32 28.21
N LEU A 401 -17.80 10.58 27.34
CA LEU A 401 -17.77 9.95 26.03
C LEU A 401 -17.45 8.46 26.17
N LYS A 402 -16.65 8.11 27.18
CA LYS A 402 -16.32 6.70 27.44
C LYS A 402 -17.53 5.93 27.97
N GLN A 403 -18.35 6.55 28.81
CA GLN A 403 -19.56 5.88 29.30
C GLN A 403 -20.53 5.63 28.16
N ARG A 404 -20.63 6.58 27.24
CA ARG A 404 -21.53 6.43 26.08
C ARG A 404 -21.15 5.24 25.20
N VAL A 405 -19.87 5.09 24.91
CA VAL A 405 -19.38 3.98 24.11
C VAL A 405 -19.63 2.62 24.79
N LEU A 406 -19.45 2.56 26.11
CA LEU A 406 -19.66 1.32 26.86
C LEU A 406 -21.12 0.88 26.93
N GLU A 407 -22.07 1.83 26.88
CA GLU A 407 -23.47 1.52 27.22
C GLU A 407 -24.57 2.00 26.25
N GLN A 408 -24.31 2.98 25.41
CA GLN A 408 -25.39 3.58 24.59
C GLN A 408 -25.68 2.83 23.27
N ALA A 409 -26.96 2.61 22.98
CA ALA A 409 -27.38 2.14 21.65
C ALA A 409 -27.29 3.28 20.63
N VAL A 410 -26.74 2.99 19.46
CA VAL A 410 -26.62 3.97 18.38
C VAL A 410 -27.97 4.11 17.64
N THR A 411 -28.36 5.33 17.29
CA THR A 411 -29.54 5.58 16.44
C THR A 411 -29.14 6.06 15.04
N TYR A 412 -30.00 5.78 14.07
CA TYR A 412 -29.68 5.93 12.66
C TYR A 412 -30.74 6.78 11.93
N PRO A 413 -30.37 8.01 11.55
CA PRO A 413 -31.32 8.85 10.80
C PRO A 413 -31.51 8.29 9.39
N ASP A 414 -32.39 8.89 8.59
CA ASP A 414 -32.77 8.28 7.30
C ASP A 414 -31.85 8.58 6.10
N LYS A 415 -30.71 9.21 6.34
CA LYS A 415 -29.67 9.25 5.32
C LYS A 415 -29.06 7.85 5.05
N PHE A 416 -29.33 6.90 5.95
CA PHE A 416 -28.87 5.51 5.84
C PHE A 416 -29.87 4.61 5.11
N SER A 417 -29.34 3.70 4.28
CA SER A 417 -30.18 2.67 3.65
C SER A 417 -30.24 1.46 4.59
N PRO A 418 -31.05 0.45 4.26
CA PRO A 418 -31.07 -0.78 5.07
C PRO A 418 -29.71 -1.48 5.13
N ALA A 419 -28.99 -1.50 4.01
CA ALA A 419 -27.67 -2.13 3.93
C ALA A 419 -26.58 -1.43 4.76
N SER A 420 -26.53 -0.11 4.71
CA SER A 420 -25.46 0.62 5.39
C SER A 420 -25.73 0.72 6.88
N LYS A 421 -27.01 0.68 7.27
CA LYS A 421 -27.36 0.59 8.69
C LYS A 421 -26.85 -0.73 9.29
N ASP A 422 -27.25 -1.83 8.65
CA ASP A 422 -26.81 -3.17 9.05
C ASP A 422 -25.28 -3.38 9.17
N PHE A 423 -24.54 -2.93 8.15
CA PHE A 423 -23.08 -3.02 8.14
C PHE A 423 -22.45 -2.28 9.31
N CYS A 424 -22.88 -1.04 9.56
CA CYS A 424 -22.44 -0.30 10.73
C CYS A 424 -22.76 -1.01 12.07
N GLU A 425 -23.95 -1.60 12.18
CA GLU A 425 -24.32 -2.33 13.40
C GLU A 425 -23.42 -3.56 13.62
N ALA A 426 -23.00 -4.17 12.53
CA ALA A 426 -22.16 -5.36 12.59
C ALA A 426 -20.69 -5.02 12.97
N LEU A 427 -20.25 -3.78 12.72
CA LEU A 427 -18.92 -3.33 13.18
C LEU A 427 -18.89 -2.64 14.56
N LEU A 428 -19.96 -1.98 14.98
CA LEU A 428 -19.97 -1.22 16.21
C LEU A 428 -20.42 -2.08 17.40
N GLN A 429 -20.89 -3.27 17.07
CA GLN A 429 -21.14 -4.37 18.02
C GLN A 429 -20.12 -4.38 19.17
N LYS A 430 -20.59 -4.28 20.40
CA LYS A 430 -19.69 -4.08 21.55
C LYS A 430 -18.93 -5.35 21.99
N ASP A 431 -19.48 -6.53 21.70
CA ASP A 431 -18.81 -7.80 22.00
C ASP A 431 -17.88 -8.25 20.80
N PRO A 432 -16.56 -8.22 21.00
CA PRO A 432 -15.70 -8.52 19.86
C PRO A 432 -15.84 -9.93 19.30
N GLU A 433 -16.34 -10.86 20.11
CA GLU A 433 -16.65 -12.22 19.63
C GLU A 433 -17.72 -12.23 18.51
N LYS A 434 -18.62 -11.24 18.55
CA LYS A 434 -19.70 -11.14 17.57
C LYS A 434 -19.38 -10.27 16.41
N ARG A 435 -18.41 -9.36 16.56
CA ARG A 435 -18.10 -8.35 15.55
C ARG A 435 -17.49 -8.93 14.27
N LEU A 436 -17.86 -8.43 13.09
CA LEU A 436 -17.24 -8.85 11.83
C LEU A 436 -15.75 -8.36 11.75
N GLY A 437 -14.88 -9.06 11.04
CA GLY A 437 -13.50 -8.63 10.88
C GLY A 437 -12.60 -9.63 10.16
N PHE A 438 -11.41 -9.92 10.75
CA PHE A 438 -10.34 -10.75 10.13
C PHE A 438 -10.23 -12.11 10.77
N ARG A 439 -10.56 -13.17 10.04
CA ARG A 439 -10.52 -14.54 10.59
C ARG A 439 -10.02 -15.59 9.57
N ASP A 440 -9.31 -16.61 10.06
CA ASP A 440 -8.77 -17.66 9.20
C ASP A 440 -7.98 -17.11 8.01
N GLY A 441 -7.16 -16.11 8.26
CA GLY A 441 -6.30 -15.53 7.24
C GLY A 441 -6.82 -14.39 6.37
N SER A 442 -8.10 -13.97 6.52
CA SER A 442 -8.64 -12.98 5.59
C SER A 442 -9.94 -12.26 5.97
N CYS A 443 -10.26 -11.25 5.17
CA CYS A 443 -11.50 -10.49 5.23
C CYS A 443 -12.55 -10.95 4.22
N ASP A 444 -12.47 -12.20 3.75
CA ASP A 444 -13.42 -12.65 2.69
C ASP A 444 -14.88 -12.79 3.17
N GLY A 445 -15.09 -13.02 4.46
CA GLY A 445 -16.44 -13.06 5.02
C GLY A 445 -17.13 -11.69 5.04
N LEU A 446 -16.41 -10.71 5.52
CA LEU A 446 -16.80 -9.30 5.45
C LEU A 446 -17.08 -8.77 4.02
N ARG A 447 -16.37 -9.30 3.03
CA ARG A 447 -16.54 -8.89 1.63
C ARG A 447 -17.85 -9.29 1.02
N THR A 448 -18.54 -10.29 1.55
CA THR A 448 -19.83 -10.72 1.00
C THR A 448 -21.04 -9.94 1.49
N HIS A 449 -20.87 -9.01 2.41
CA HIS A 449 -22.01 -8.23 2.89
C HIS A 449 -22.76 -7.58 1.70
N PRO A 450 -24.11 -7.54 1.78
CA PRO A 450 -24.84 -6.88 0.69
C PRO A 450 -24.37 -5.44 0.37
N LEU A 451 -23.96 -4.66 1.35
CA LEU A 451 -23.41 -3.32 1.09
C LEU A 451 -22.52 -3.28 -0.16
N PHE A 452 -21.72 -4.31 -0.36
CA PHE A 452 -20.73 -4.34 -1.44
C PHE A 452 -21.21 -4.99 -2.75
N ARG A 453 -22.52 -5.09 -2.95
CA ARG A 453 -23.02 -5.93 -4.03
C ARG A 453 -22.60 -5.44 -5.40
N ASP A 454 -22.45 -4.12 -5.59
CA ASP A 454 -22.05 -3.58 -6.91
C ASP A 454 -20.52 -3.38 -7.03
N ILE A 455 -19.73 -3.74 -6.01
CA ILE A 455 -18.27 -3.58 -6.08
C ILE A 455 -17.54 -4.83 -6.62
N SER A 456 -16.70 -4.63 -7.63
CA SER A 456 -15.84 -5.69 -8.18
C SER A 456 -14.49 -5.77 -7.45
N TRP A 457 -14.45 -6.55 -6.36
CA TRP A 457 -13.27 -6.66 -5.51
C TRP A 457 -11.99 -6.90 -6.32
N ARG A 458 -12.04 -7.89 -7.20
CA ARG A 458 -10.94 -8.19 -8.14
C ARG A 458 -10.40 -6.95 -8.87
N GLN A 459 -11.27 -6.05 -9.32
CA GLN A 459 -10.80 -4.90 -10.12
C GLN A 459 -10.31 -3.75 -9.24
N LEU A 460 -10.97 -3.57 -8.10
CA LEU A 460 -10.51 -2.62 -7.09
C LEU A 460 -9.08 -2.95 -6.65
N GLU A 461 -8.80 -4.21 -6.35
CA GLU A 461 -7.47 -4.59 -5.86
C GLU A 461 -6.34 -4.36 -6.86
N ALA A 462 -6.67 -4.37 -8.15
CA ALA A 462 -5.71 -4.13 -9.25
C ALA A 462 -5.58 -2.68 -9.65
N GLY A 463 -6.38 -1.78 -9.05
CA GLY A 463 -6.35 -0.34 -9.37
C GLY A 463 -7.06 0.06 -10.65
N MET A 464 -8.13 -0.66 -11.02
CA MET A 464 -8.78 -0.46 -12.33
C MET A 464 -10.27 -0.12 -12.36
N LEU A 465 -10.84 0.28 -11.23
CA LEU A 465 -12.14 0.94 -11.21
C LEU A 465 -11.98 2.46 -11.29
N THR A 466 -12.82 3.14 -12.04
CA THR A 466 -12.90 4.60 -11.96
C THR A 466 -13.59 5.04 -10.67
N PRO A 467 -12.94 5.87 -9.85
CA PRO A 467 -13.63 6.31 -8.64
C PRO A 467 -14.80 7.17 -9.02
N PRO A 468 -15.95 7.06 -8.34
CA PRO A 468 -17.13 7.81 -8.74
C PRO A 468 -17.13 9.30 -8.34
N PHE A 469 -16.08 9.73 -7.63
CA PHE A 469 -15.78 11.16 -7.51
C PHE A 469 -14.33 11.41 -7.90
N VAL A 470 -14.10 12.48 -8.67
CA VAL A 470 -12.74 12.93 -9.05
C VAL A 470 -12.55 14.34 -8.47
N PRO A 471 -11.41 14.59 -7.80
CA PRO A 471 -11.17 15.87 -7.12
C PRO A 471 -11.26 17.11 -7.99
N ASP A 472 -12.26 17.95 -7.75
CA ASP A 472 -12.46 19.21 -8.47
C ASP A 472 -11.57 20.33 -7.89
N SER A 473 -11.95 21.60 -8.10
CA SER A 473 -11.13 22.75 -7.68
C SER A 473 -11.00 22.95 -6.16
N ARG A 474 -9.91 22.40 -5.62
CA ARG A 474 -9.44 22.68 -4.26
C ARG A 474 -7.95 22.23 -4.08
N THR A 475 -7.01 23.11 -4.42
CA THR A 475 -5.58 22.85 -4.17
C THR A 475 -4.77 24.15 -4.12
N ILE A 481 -1.90 27.23 5.07
CA ILE A 481 -1.30 26.98 6.37
C ILE A 481 -0.77 28.28 6.98
N GLN A 482 -1.31 28.64 8.13
CA GLN A 482 -0.96 29.88 8.83
C GLN A 482 0.45 29.76 9.45
N ASP A 483 1.20 30.85 9.44
CA ASP A 483 2.60 30.86 9.89
C ASP A 483 2.72 31.07 11.40
N VAL A 484 3.77 30.51 12.01
CA VAL A 484 3.80 30.35 13.47
C VAL A 484 5.12 30.68 14.21
N GLY A 485 6.24 30.80 13.50
CA GLY A 485 7.60 30.74 14.11
C GLY A 485 8.07 29.29 14.41
N ALA A 486 9.35 29.11 14.76
CA ALA A 486 9.85 27.82 15.31
C ALA A 486 10.43 28.05 16.73
N PHE A 487 10.67 26.96 17.47
CA PHE A 487 11.25 27.08 18.84
C PHE A 487 12.78 27.29 18.79
N VAL A 493 21.98 21.03 25.23
CA VAL A 493 21.87 19.57 25.10
C VAL A 493 22.63 19.02 23.88
N ALA A 494 23.82 18.45 24.15
CA ALA A 494 24.56 17.60 23.20
C ALA A 494 24.02 16.14 23.20
N PHE A 495 24.34 15.40 22.14
CA PHE A 495 23.91 14.01 21.96
C PHE A 495 24.98 12.96 22.45
N GLU A 496 24.51 11.79 22.87
CA GLU A 496 25.33 10.59 23.13
C GLU A 496 25.26 9.59 21.97
N LYS A 497 26.25 8.69 21.92
CA LYS A 497 26.31 7.65 20.89
C LYS A 497 25.04 6.86 20.78
N ALA A 498 24.37 6.59 21.90
CA ALA A 498 23.03 5.98 21.83
C ALA A 498 22.11 6.69 20.84
N ASP A 499 22.07 8.04 20.89
CA ASP A 499 21.23 8.84 19.97
C ASP A 499 21.80 8.78 18.55
N THR A 500 23.09 9.13 18.41
CA THR A 500 23.77 9.06 17.10
C THR A 500 23.57 7.72 16.38
N GLU A 501 23.76 6.61 17.10
CA GLU A 501 23.69 5.31 16.47
C GLU A 501 22.26 5.02 16.09
N PHE A 502 21.31 5.41 16.93
CA PHE A 502 19.86 5.31 16.55
C PHE A 502 19.54 6.07 15.24
N PHE A 503 20.11 7.27 15.09
CA PHE A 503 19.84 8.07 13.89
C PHE A 503 20.38 7.39 12.64
N GLN A 504 21.62 6.86 12.71
CA GLN A 504 22.22 6.12 11.56
C GLN A 504 21.47 4.85 11.19
N GLU A 505 20.97 4.11 12.19
CA GLU A 505 20.12 2.95 11.90
C GLU A 505 18.77 3.31 11.23
N PHE A 506 18.09 4.37 11.70
CA PHE A 506 16.86 4.90 11.07
C PHE A 506 17.10 5.33 9.61
N ALA A 507 18.23 5.97 9.34
CA ALA A 507 18.53 6.48 8.00
C ALA A 507 19.11 5.39 7.09
N SER A 508 18.32 4.36 6.78
CA SER A 508 18.79 3.23 5.97
C SER A 508 18.95 3.45 4.42
N GLY A 509 18.50 4.57 3.85
CA GLY A 509 18.70 4.84 2.40
C GLY A 509 17.55 4.47 1.48
N THR A 510 17.84 4.00 0.27
CA THR A 510 16.87 3.84 -0.82
C THR A 510 16.10 2.52 -0.79
N CYS A 511 14.76 2.54 -0.80
CA CYS A 511 13.96 1.30 -0.90
C CYS A 511 13.88 0.81 -2.37
N PRO A 512 14.16 -0.49 -2.62
CA PRO A 512 14.36 -0.97 -4.00
C PRO A 512 13.13 -0.98 -4.91
N ILE A 513 12.00 -1.49 -4.41
CA ILE A 513 10.81 -1.60 -5.27
C ILE A 513 10.33 -0.19 -5.74
N PRO A 514 10.07 0.73 -4.81
CA PRO A 514 9.71 2.10 -5.23
C PRO A 514 10.70 2.84 -6.15
N TRP A 515 12.01 2.63 -5.95
CA TRP A 515 13.06 3.23 -6.83
C TRP A 515 13.00 2.73 -8.27
N GLN A 516 12.85 1.42 -8.41
CA GLN A 516 12.68 0.78 -9.70
C GLN A 516 11.42 1.30 -10.44
N GLU A 517 10.31 1.45 -9.71
CA GLU A 517 9.09 2.07 -10.27
C GLU A 517 9.35 3.50 -10.75
N GLU A 518 10.05 4.30 -9.95
CA GLU A 518 10.34 5.70 -10.31
C GLU A 518 11.10 5.73 -11.60
N MET A 519 12.16 4.92 -11.68
CA MET A 519 12.96 4.88 -12.89
C MET A 519 12.13 4.47 -14.11
N ILE A 520 11.19 3.53 -13.95
CA ILE A 520 10.34 3.15 -15.08
C ILE A 520 9.32 4.24 -15.45
N GLU A 521 8.56 4.72 -14.47
CA GLU A 521 7.50 5.72 -14.71
C GLU A 521 7.96 6.99 -15.41
N THR A 522 9.10 7.53 -14.97
CA THR A 522 9.62 8.82 -15.45
C THR A 522 10.37 8.75 -16.78
N GLY A 523 10.58 7.53 -17.31
CA GLY A 523 11.26 7.32 -18.62
C GLY A 523 12.76 7.05 -18.67
N VAL A 524 13.42 6.98 -17.51
CA VAL A 524 14.90 6.81 -17.44
C VAL A 524 15.32 5.39 -17.78
N PHE A 525 14.54 4.42 -17.31
CA PHE A 525 14.76 3.06 -17.72
C PHE A 525 14.80 2.96 -19.27
N GLY A 526 13.80 3.51 -19.95
CA GLY A 526 13.76 3.52 -21.41
C GLY A 526 15.01 4.09 -22.06
N ASP A 527 15.52 5.21 -21.54
CA ASP A 527 16.68 5.89 -22.15
C ASP A 527 18.01 5.19 -21.91
N LEU A 528 18.21 4.57 -20.75
CA LEU A 528 19.47 3.88 -20.46
C LEU A 528 19.47 2.38 -20.79
N ASN A 529 18.33 1.71 -20.80
CA ASN A 529 18.32 0.28 -21.14
C ASN A 529 18.44 0.08 -22.66
N VAL A 530 19.65 0.30 -23.17
CA VAL A 530 19.95 0.15 -24.57
C VAL A 530 21.28 -0.59 -24.78
N TRP A 531 21.37 -1.32 -25.90
CA TRP A 531 22.52 -2.17 -26.22
C TRP A 531 23.12 -1.73 -27.55
N ARG A 532 24.17 -2.45 -27.97
CA ARG A 532 24.86 -2.17 -29.25
C ARG A 532 26.10 -3.07 -29.37
#